data_1Y6Q
#
_entry.id   1Y6Q
#
_cell.length_a   51.710
_cell.length_b   69.790
_cell.length_c   128.340
_cell.angle_alpha   90.00
_cell.angle_beta   90.00
_cell.angle_gamma   90.00
#
_symmetry.space_group_name_H-M   'P 21 21 21'
#
loop_
_entity.id
_entity.type
_entity.pdbx_description
1 polymer 'MTA/SAH nucleosidase'
2 non-polymer 'CHLORIDE ION'
3 non-polymer (3R,4S)-1-[(4-AMINO-5H-PYRROLO[3,2-D]PYRIMIDIN-7-YL)METHYL]-4-[(METHYLSULFANYL)METHYL]PYRROLIDIN-3-OL
4 water water
#
_entity_poly.entity_id   1
_entity_poly.type   'polypeptide(L)'
_entity_poly.pdbx_seq_one_letter_code
;FQGAMDPEFSMKIGIIGAMEEEVTLLRDKIENRQTISLGGCEIYTGQLNGTEVALLKSGIGKVAAALGATLLLEHCKPDV
IINTGSAGGLAPTLKVGDIVVSDEARYHDADVTAFGYEYGQLPGCPAGFKADDKLIAAAEACIAELNLNAVRGLIVSGDA
FINGSVGLAKIRHNFPQAIAVEMEATAIAHVCHNFNVPFVVVRAISDVADQQSHLSFDEFLAVAAKQSSLMVESLVQKLA
HG
;
_entity_poly.pdbx_strand_id   A,B
#
loop_
_chem_comp.id
_chem_comp.type
_chem_comp.name
_chem_comp.formula
CL non-polymer 'CHLORIDE ION' 'Cl -1'
TDI non-polymer (3R,4S)-1-[(4-AMINO-5H-PYRROLO[3,2-D]PYRIMIDIN-7-YL)METHYL]-4-[(METHYLSULFANYL)METHYL]PYRROLIDIN-3-OL 'C13 H19 N5 O S'
#
# COMPACT_ATOMS: atom_id res chain seq x y z
N PHE A 9 -20.86 16.68 -19.66
CA PHE A 9 -22.09 15.95 -19.19
C PHE A 9 -21.92 14.43 -19.25
N SER A 10 -20.72 13.96 -19.52
CA SER A 10 -20.47 12.52 -19.57
C SER A 10 -19.20 12.15 -18.82
N MET A 11 -18.80 13.00 -17.89
CA MET A 11 -17.62 12.78 -17.08
C MET A 11 -17.98 12.31 -15.64
N LYS A 12 -17.17 11.40 -15.10
CA LYS A 12 -17.37 10.91 -13.74
C LYS A 12 -16.08 11.21 -12.97
N ILE A 13 -16.21 12.01 -11.90
CA ILE A 13 -15.07 12.42 -11.10
C ILE A 13 -14.97 11.59 -9.82
N GLY A 14 -13.81 10.95 -9.64
CA GLY A 14 -13.58 10.14 -8.46
C GLY A 14 -12.92 11.02 -7.40
N ILE A 15 -13.36 10.86 -6.15
CA ILE A 15 -12.80 11.65 -5.05
C ILE A 15 -12.44 10.66 -3.93
N ILE A 16 -11.22 10.76 -3.41
CA ILE A 16 -10.83 9.85 -2.34
C ILE A 16 -10.45 10.54 -1.06
N GLY A 17 -10.99 10.05 0.05
CA GLY A 17 -10.67 10.57 1.37
C GLY A 17 -10.43 9.43 2.35
N ALA A 18 -9.50 9.60 3.28
CA ALA A 18 -9.18 8.53 4.25
C ALA A 18 -10.17 8.43 5.41
N MET A 19 -10.31 9.49 6.19
CA MET A 19 -11.19 9.50 7.36
C MET A 19 -12.63 9.93 7.10
N GLU A 20 -13.50 9.56 8.03
CA GLU A 20 -14.93 9.89 7.99
C GLU A 20 -15.06 11.41 7.99
N GLU A 21 -14.35 12.05 8.90
CA GLU A 21 -14.33 13.51 9.03
C GLU A 21 -13.93 14.20 7.74
N GLU A 22 -13.04 13.56 6.98
CA GLU A 22 -12.53 14.15 5.75
C GLU A 22 -13.46 14.09 4.55
N VAL A 23 -14.45 13.20 4.57
CA VAL A 23 -15.36 13.05 3.44
C VAL A 23 -16.81 13.39 3.76
N THR A 24 -17.15 13.49 5.03
CA THR A 24 -18.52 13.75 5.45
C THR A 24 -19.19 15.00 4.83
N LEU A 25 -18.44 16.10 4.68
CA LEU A 25 -19.01 17.33 4.08
C LEU A 25 -19.34 17.10 2.61
N LEU A 26 -18.45 16.42 1.89
CA LEU A 26 -18.70 16.13 0.49
C LEU A 26 -19.80 15.10 0.34
N ARG A 27 -19.84 14.13 1.24
CA ARG A 27 -20.85 13.09 1.17
C ARG A 27 -22.24 13.69 1.36
N ASP A 28 -22.38 14.64 2.27
CA ASP A 28 -23.68 15.29 2.52
C ASP A 28 -24.20 16.15 1.36
N LYS A 29 -23.30 16.61 0.49
CA LYS A 29 -23.71 17.42 -0.63
C LYS A 29 -24.10 16.62 -1.88
N ILE A 30 -23.88 15.31 -1.86
CA ILE A 30 -24.21 14.45 -3.00
C ILE A 30 -25.71 14.23 -3.23
N GLU A 31 -26.16 14.52 -4.44
CA GLU A 31 -27.57 14.35 -4.82
C GLU A 31 -27.75 12.91 -5.30
N ASN A 32 -28.88 12.29 -4.96
CA ASN A 32 -29.17 10.91 -5.35
C ASN A 32 -28.06 9.98 -4.89
N ARG A 33 -27.57 10.23 -3.67
CA ARG A 33 -26.49 9.45 -3.11
C ARG A 33 -26.90 8.01 -2.90
N GLN A 34 -25.97 7.10 -3.12
CA GLN A 34 -26.17 5.67 -2.91
C GLN A 34 -24.83 5.20 -2.34
N THR A 35 -24.85 4.18 -1.51
CA THR A 35 -23.62 3.70 -0.91
C THR A 35 -23.26 2.29 -1.37
N ILE A 36 -21.98 2.09 -1.67
CA ILE A 36 -21.47 0.79 -2.10
C ILE A 36 -20.46 0.35 -1.04
N SER A 37 -20.75 -0.72 -0.32
CA SER A 37 -19.85 -1.21 0.72
C SER A 37 -19.09 -2.40 0.14
N LEU A 38 -17.77 -2.34 0.17
CA LEU A 38 -16.97 -3.40 -0.45
C LEU A 38 -15.52 -3.37 0.03
N GLY A 39 -14.91 -4.54 0.22
CA GLY A 39 -13.54 -4.62 0.66
C GLY A 39 -13.22 -3.80 1.90
N GLY A 40 -14.25 -3.56 2.71
CA GLY A 40 -14.05 -2.80 3.93
C GLY A 40 -14.06 -1.29 3.73
N CYS A 41 -14.34 -0.86 2.50
N CYS A 41 -14.34 -0.84 2.51
CA CYS A 41 -14.39 0.57 2.18
CA CYS A 41 -14.39 0.59 2.28
C CYS A 41 -15.80 0.96 1.81
C CYS A 41 -15.78 0.97 1.82
N GLU A 42 -16.04 2.27 1.74
CA GLU A 42 -17.34 2.79 1.35
C GLU A 42 -17.20 3.71 0.13
N ILE A 43 -18.08 3.50 -0.86
CA ILE A 43 -18.11 4.35 -2.05
C ILE A 43 -19.53 4.96 -2.16
N TYR A 44 -19.56 6.29 -2.23
CA TYR A 44 -20.81 7.04 -2.32
C TYR A 44 -20.92 7.57 -3.75
N THR A 45 -22.00 7.19 -4.44
CA THR A 45 -22.21 7.62 -5.82
C THR A 45 -23.38 8.61 -5.92
N GLY A 46 -23.32 9.46 -6.94
CA GLY A 46 -24.35 10.45 -7.17
C GLY A 46 -23.78 11.65 -7.91
N GLN A 47 -24.35 12.84 -7.70
CA GLN A 47 -23.87 14.05 -8.37
C GLN A 47 -23.59 15.17 -7.39
N LEU A 48 -22.62 15.99 -7.76
CA LEU A 48 -22.23 17.14 -6.97
C LEU A 48 -22.60 18.29 -7.91
N ASN A 49 -23.72 18.94 -7.58
CA ASN A 49 -24.26 20.01 -8.39
C ASN A 49 -24.32 19.56 -9.84
N GLY A 50 -25.00 18.44 -10.08
CA GLY A 50 -25.14 17.95 -11.43
C GLY A 50 -23.99 17.13 -12.01
N THR A 51 -22.84 17.13 -11.37
CA THR A 51 -21.71 16.37 -11.89
C THR A 51 -21.64 15.01 -11.23
N GLU A 52 -21.58 13.95 -12.04
CA GLU A 52 -21.50 12.59 -11.50
C GLU A 52 -20.17 12.38 -10.77
N VAL A 53 -20.24 11.84 -9.56
CA VAL A 53 -19.04 11.61 -8.78
C VAL A 53 -19.08 10.25 -8.08
N ALA A 54 -17.93 9.82 -7.60
CA ALA A 54 -17.81 8.56 -6.88
C ALA A 54 -16.83 8.93 -5.77
N LEU A 55 -17.34 8.96 -4.54
CA LEU A 55 -16.55 9.32 -3.36
C LEU A 55 -16.23 8.12 -2.49
N LEU A 56 -14.94 7.83 -2.37
CA LEU A 56 -14.47 6.70 -1.58
C LEU A 56 -13.91 7.12 -0.22
N LYS A 57 -14.35 6.42 0.83
CA LYS A 57 -13.78 6.63 2.16
C LYS A 57 -12.81 5.43 2.20
N SER A 58 -11.51 5.69 2.27
CA SER A 58 -10.56 4.58 2.21
C SER A 58 -9.98 4.00 3.48
N GLY A 59 -9.82 4.81 4.51
CA GLY A 59 -9.20 4.32 5.72
C GLY A 59 -7.81 4.93 5.69
N ILE A 60 -7.08 4.81 6.78
CA ILE A 60 -5.77 5.43 6.90
C ILE A 60 -4.59 4.57 6.47
N GLY A 61 -3.61 5.22 5.84
CA GLY A 61 -2.41 4.50 5.42
C GLY A 61 -2.31 4.13 3.96
N LYS A 62 -1.11 3.75 3.55
CA LYS A 62 -0.82 3.39 2.15
C LYS A 62 -1.60 2.22 1.58
N VAL A 63 -1.64 1.12 2.32
CA VAL A 63 -2.33 -0.07 1.85
C VAL A 63 -3.83 0.12 1.79
N ALA A 64 -4.38 0.80 2.80
CA ALA A 64 -5.82 1.01 2.81
C ALA A 64 -6.18 1.90 1.64
N ALA A 65 -5.35 2.92 1.42
CA ALA A 65 -5.56 3.85 0.33
C ALA A 65 -5.38 3.13 -1.01
N ALA A 66 -4.44 2.19 -1.09
CA ALA A 66 -4.22 1.44 -2.34
C ALA A 66 -5.39 0.49 -2.63
N LEU A 67 -5.78 -0.28 -1.61
CA LEU A 67 -6.88 -1.21 -1.72
C LEU A 67 -8.12 -0.43 -2.23
N GLY A 68 -8.46 0.66 -1.54
CA GLY A 68 -9.63 1.46 -1.94
C GLY A 68 -9.55 2.13 -3.31
N ALA A 69 -8.39 2.66 -3.65
CA ALA A 69 -8.23 3.29 -4.96
C ALA A 69 -8.47 2.23 -6.04
N THR A 70 -7.93 1.03 -5.82
CA THR A 70 -8.09 -0.09 -6.77
C THR A 70 -9.57 -0.46 -6.92
N LEU A 71 -10.28 -0.58 -5.81
CA LEU A 71 -11.71 -0.90 -5.89
C LEU A 71 -12.47 0.20 -6.64
N LEU A 72 -12.21 1.47 -6.30
CA LEU A 72 -12.86 2.62 -6.97
C LEU A 72 -12.63 2.62 -8.50
N LEU A 73 -11.40 2.35 -8.92
CA LEU A 73 -11.07 2.31 -10.34
C LEU A 73 -11.72 1.14 -11.05
N GLU A 74 -11.65 -0.04 -10.45
CA GLU A 74 -12.24 -1.23 -11.03
C GLU A 74 -13.76 -1.11 -11.09
N HIS A 75 -14.34 -0.70 -9.97
CA HIS A 75 -15.78 -0.61 -9.85
C HIS A 75 -16.52 0.58 -10.45
N CYS A 76 -15.88 1.74 -10.50
CA CYS A 76 -16.57 2.91 -10.99
C CYS A 76 -15.93 3.60 -12.20
N LYS A 77 -14.71 3.21 -12.52
CA LYS A 77 -13.99 3.78 -13.65
C LYS A 77 -14.12 5.30 -13.79
N PRO A 78 -13.74 6.03 -12.74
CA PRO A 78 -13.83 7.49 -12.78
C PRO A 78 -12.79 7.97 -13.82
N ASP A 79 -13.02 9.14 -14.40
CA ASP A 79 -12.12 9.67 -15.41
C ASP A 79 -10.84 10.29 -14.83
N VAL A 80 -10.97 10.91 -13.66
CA VAL A 80 -9.83 11.49 -12.97
C VAL A 80 -10.01 11.22 -11.50
N ILE A 81 -8.96 11.44 -10.72
CA ILE A 81 -9.01 11.24 -9.28
C ILE A 81 -8.59 12.49 -8.50
N ILE A 82 -9.39 12.88 -7.51
CA ILE A 82 -9.02 14.02 -6.67
C ILE A 82 -8.85 13.49 -5.25
N ASN A 83 -7.67 13.71 -4.66
CA ASN A 83 -7.46 13.24 -3.29
C ASN A 83 -7.62 14.42 -2.35
N THR A 84 -8.53 14.30 -1.40
CA THR A 84 -8.79 15.38 -0.45
C THR A 84 -8.46 14.98 0.99
N GLY A 85 -8.57 15.93 1.91
CA GLY A 85 -8.29 15.65 3.30
C GLY A 85 -7.32 16.63 3.93
N SER A 86 -6.75 16.25 5.07
CA SER A 86 -5.80 17.12 5.77
C SER A 86 -4.36 16.80 5.43
N ALA A 87 -3.43 17.53 6.05
CA ALA A 87 -2.00 17.34 5.81
C ALA A 87 -1.16 18.13 6.80
N GLY A 88 0.08 17.68 7.01
CA GLY A 88 0.99 18.39 7.88
C GLY A 88 1.72 19.36 6.97
N GLY A 89 1.66 20.66 7.25
CA GLY A 89 2.34 21.64 6.39
C GLY A 89 3.85 21.67 6.61
N LEU A 90 4.63 21.73 5.53
CA LEU A 90 6.08 21.76 5.63
C LEU A 90 6.68 23.06 5.06
N ALA A 91 6.04 23.64 4.05
CA ALA A 91 6.53 24.89 3.48
C ALA A 91 6.36 25.99 4.56
N PRO A 92 7.28 26.97 4.57
CA PRO A 92 7.30 28.08 5.54
C PRO A 92 6.11 29.04 5.58
N THR A 93 5.54 29.37 4.43
CA THR A 93 4.41 30.30 4.41
C THR A 93 3.04 29.67 4.64
N LEU A 94 3.00 28.38 4.99
CA LEU A 94 1.74 27.70 5.24
C LEU A 94 1.25 27.86 6.66
N LYS A 95 -0.07 28.07 6.80
CA LYS A 95 -0.70 28.20 8.11
C LYS A 95 -1.88 27.24 8.09
N VAL A 96 -2.40 26.88 9.26
CA VAL A 96 -3.53 25.99 9.33
C VAL A 96 -4.66 26.51 8.44
N GLY A 97 -5.26 25.60 7.68
CA GLY A 97 -6.36 25.98 6.80
C GLY A 97 -5.89 26.25 5.38
N ASP A 98 -4.60 26.50 5.20
CA ASP A 98 -4.08 26.78 3.86
C ASP A 98 -4.16 25.54 2.97
N ILE A 99 -4.28 25.79 1.67
CA ILE A 99 -4.39 24.76 0.67
C ILE A 99 -3.05 24.29 0.10
N VAL A 100 -2.89 22.98 -0.10
CA VAL A 100 -1.70 22.45 -0.74
C VAL A 100 -2.12 21.64 -1.96
N VAL A 101 -1.52 21.94 -3.10
CA VAL A 101 -1.82 21.22 -4.33
C VAL A 101 -0.55 20.51 -4.77
N SER A 102 -0.72 19.25 -5.16
CA SER A 102 0.40 18.45 -5.62
C SER A 102 0.83 18.68 -7.07
N ASP A 103 2.15 18.81 -7.27
CA ASP A 103 2.74 18.88 -8.59
C ASP A 103 3.17 17.42 -8.82
N GLU A 104 3.52 16.77 -7.72
CA GLU A 104 4.05 15.41 -7.74
C GLU A 104 3.93 14.80 -6.33
N ALA A 105 4.06 13.48 -6.24
CA ALA A 105 3.96 12.74 -4.98
C ALA A 105 5.06 11.68 -4.86
N ARG A 106 5.72 11.62 -3.71
CA ARG A 106 6.76 10.63 -3.48
C ARG A 106 6.65 10.03 -2.08
N TYR A 107 7.04 8.76 -1.96
CA TYR A 107 7.04 8.06 -0.67
C TYR A 107 8.26 8.58 0.09
N HIS A 108 8.07 9.08 1.32
CA HIS A 108 9.25 9.53 2.05
C HIS A 108 9.81 8.37 2.87
N ASP A 109 9.12 7.24 2.85
CA ASP A 109 9.59 6.09 3.60
C ASP A 109 9.95 4.86 2.77
N ALA A 110 10.22 5.04 1.48
CA ALA A 110 10.61 3.89 0.64
C ALA A 110 12.14 3.94 0.52
N ASP A 111 12.80 2.81 0.69
CA ASP A 111 14.25 2.82 0.59
C ASP A 111 14.82 1.52 0.05
N VAL A 112 15.17 1.54 -1.22
CA VAL A 112 15.79 0.41 -1.88
C VAL A 112 17.09 0.98 -2.44
N THR A 113 17.67 1.96 -1.74
CA THR A 113 18.92 2.57 -2.22
C THR A 113 20.07 1.59 -2.28
N ALA A 114 19.98 0.48 -1.55
CA ALA A 114 21.03 -0.54 -1.58
C ALA A 114 21.11 -1.12 -2.99
N PHE A 115 20.05 -0.93 -3.76
CA PHE A 115 20.04 -1.44 -5.12
C PHE A 115 20.22 -0.35 -6.19
N GLY A 116 20.51 0.86 -5.77
CA GLY A 116 20.74 1.93 -6.73
C GLY A 116 19.52 2.73 -7.13
N TYR A 117 18.40 2.53 -6.44
CA TYR A 117 17.21 3.30 -6.75
C TYR A 117 17.34 4.60 -5.98
N GLU A 118 16.65 5.63 -6.45
CA GLU A 118 16.65 6.94 -5.83
C GLU A 118 15.90 6.79 -4.48
N TYR A 119 16.24 7.60 -3.48
CA TYR A 119 15.53 7.49 -2.20
C TYR A 119 14.02 7.76 -2.41
N GLY A 120 13.17 6.90 -1.86
CA GLY A 120 11.72 7.08 -2.01
C GLY A 120 11.13 6.33 -3.20
N GLN A 121 11.99 5.93 -4.14
CA GLN A 121 11.57 5.20 -5.32
C GLN A 121 11.47 3.68 -5.08
N LEU A 122 10.37 3.05 -5.52
CA LEU A 122 10.22 1.60 -5.42
C LEU A 122 10.55 0.97 -6.79
N PRO A 123 11.15 -0.23 -6.82
CA PRO A 123 11.48 -0.86 -8.11
C PRO A 123 10.26 -1.01 -8.99
N GLY A 124 10.37 -0.60 -10.25
CA GLY A 124 9.25 -0.73 -11.17
C GLY A 124 8.36 0.49 -11.21
N CYS A 125 8.70 1.50 -10.42
CA CYS A 125 7.96 2.75 -10.37
C CYS A 125 8.90 3.90 -10.71
N PRO A 126 8.33 5.05 -11.11
CA PRO A 126 9.15 6.22 -11.42
C PRO A 126 9.53 6.76 -10.04
N ALA A 127 10.63 7.50 -9.95
CA ALA A 127 11.06 8.05 -8.67
C ALA A 127 9.94 8.82 -7.94
N GLY A 128 9.06 9.45 -8.74
CA GLY A 128 7.95 10.21 -8.21
C GLY A 128 6.77 10.10 -9.17
N PHE A 129 5.57 10.42 -8.69
CA PHE A 129 4.37 10.33 -9.51
C PHE A 129 3.84 11.73 -9.81
N LYS A 130 3.80 12.09 -11.09
CA LYS A 130 3.35 13.42 -11.47
C LYS A 130 1.84 13.64 -11.60
N ALA A 131 1.37 14.70 -10.96
CA ALA A 131 -0.04 15.09 -10.98
C ALA A 131 -0.33 15.69 -12.36
N ASP A 132 -1.57 15.56 -12.79
CA ASP A 132 -2.04 16.03 -14.08
C ASP A 132 -2.00 17.56 -14.23
N ASP A 133 -1.41 18.06 -15.31
CA ASP A 133 -1.31 19.52 -15.52
C ASP A 133 -2.64 20.25 -15.55
N LYS A 134 -3.61 19.72 -16.28
CA LYS A 134 -4.92 20.37 -16.38
C LYS A 134 -5.57 20.42 -15.01
N LEU A 135 -5.59 19.28 -14.34
CA LEU A 135 -6.15 19.20 -12.99
C LEU A 135 -5.46 20.23 -12.07
N ILE A 136 -4.13 20.30 -12.14
CA ILE A 136 -3.38 21.25 -11.32
C ILE A 136 -3.78 22.67 -11.70
N ALA A 137 -3.89 22.93 -12.99
CA ALA A 137 -4.27 24.28 -13.44
C ALA A 137 -5.68 24.69 -12.99
N ALA A 138 -6.63 23.76 -13.00
CA ALA A 138 -7.99 24.09 -12.58
C ALA A 138 -8.03 24.38 -11.07
N ALA A 139 -7.23 23.65 -10.30
CA ALA A 139 -7.18 23.84 -8.85
C ALA A 139 -6.65 25.23 -8.53
N GLU A 140 -5.70 25.72 -9.32
CA GLU A 140 -5.14 27.06 -9.09
C GLU A 140 -6.17 28.13 -9.51
N ALA A 141 -6.93 27.84 -10.56
CA ALA A 141 -7.96 28.78 -10.98
C ALA A 141 -8.92 28.95 -9.80
N CYS A 142 -9.28 27.85 -9.15
CA CYS A 142 -10.19 27.92 -8.00
C CYS A 142 -9.55 28.64 -6.81
N ILE A 143 -8.26 28.39 -6.59
CA ILE A 143 -7.56 29.06 -5.51
C ILE A 143 -7.59 30.58 -5.74
N ALA A 144 -7.37 30.99 -6.97
CA ALA A 144 -7.41 32.41 -7.29
C ALA A 144 -8.83 32.93 -7.06
N GLU A 145 -9.81 32.25 -7.65
CA GLU A 145 -11.21 32.65 -7.52
C GLU A 145 -11.77 32.73 -6.10
N LEU A 146 -11.23 31.91 -5.20
CA LEU A 146 -11.69 31.90 -3.82
C LEU A 146 -10.74 32.76 -2.97
N ASN A 147 -9.69 33.27 -3.59
CA ASN A 147 -8.70 34.08 -2.88
C ASN A 147 -8.19 33.38 -1.62
N LEU A 148 -7.74 32.15 -1.78
CA LEU A 148 -7.22 31.38 -0.66
C LEU A 148 -5.70 31.43 -0.69
N ASN A 149 -5.08 31.11 0.44
CA ASN A 149 -3.63 31.06 0.49
C ASN A 149 -3.27 29.60 0.18
N ALA A 150 -2.51 29.39 -0.88
CA ALA A 150 -2.13 28.03 -1.28
C ALA A 150 -0.68 27.92 -1.70
N VAL A 151 -0.18 26.68 -1.72
CA VAL A 151 1.17 26.38 -2.14
C VAL A 151 1.11 25.12 -2.99
N ARG A 152 1.89 25.12 -4.07
CA ARG A 152 1.96 24.00 -4.99
C ARG A 152 3.37 23.38 -5.02
N GLY A 153 3.43 22.05 -5.03
CA GLY A 153 4.71 21.36 -5.06
C GLY A 153 4.66 19.88 -4.72
N LEU A 154 5.79 19.37 -4.24
CA LEU A 154 5.90 17.96 -3.89
C LEU A 154 5.25 17.63 -2.57
N ILE A 155 4.42 16.58 -2.55
CA ILE A 155 3.79 16.14 -1.32
C ILE A 155 4.34 14.74 -1.06
N VAL A 156 4.80 14.47 0.15
CA VAL A 156 5.35 13.16 0.47
C VAL A 156 4.45 12.32 1.41
N SER A 157 4.37 11.01 1.18
CA SER A 157 3.55 10.12 2.00
C SER A 157 4.37 9.00 2.64
N GLY A 158 3.92 8.59 3.82
CA GLY A 158 4.57 7.52 4.56
C GLY A 158 3.51 6.92 5.45
N ASP A 159 3.82 5.79 6.10
CA ASP A 159 2.83 5.17 6.99
C ASP A 159 3.02 5.58 8.46
N ALA A 160 3.40 6.82 8.68
CA ALA A 160 3.60 7.33 10.04
C ALA A 160 3.05 8.75 10.17
N PHE A 161 2.50 9.07 11.35
CA PHE A 161 1.99 10.40 11.60
C PHE A 161 3.19 11.19 12.11
N ILE A 162 3.67 12.15 11.32
CA ILE A 162 4.85 12.95 11.66
C ILE A 162 4.55 13.92 12.81
N ASN A 163 5.36 13.80 13.86
CA ASN A 163 5.17 14.57 15.09
C ASN A 163 6.51 15.13 15.62
N GLY A 164 7.19 15.93 14.81
CA GLY A 164 8.46 16.51 15.20
C GLY A 164 9.58 15.50 15.30
N SER A 165 10.68 15.92 15.93
CA SER A 165 11.85 15.08 16.13
C SER A 165 12.56 14.64 14.86
N VAL A 166 13.09 13.41 14.88
CA VAL A 166 13.80 12.87 13.74
C VAL A 166 12.89 12.51 12.58
N GLY A 167 11.63 12.20 12.88
CA GLY A 167 10.69 11.86 11.84
C GLY A 167 10.64 13.02 10.87
N LEU A 168 10.47 14.22 11.41
CA LEU A 168 10.40 15.43 10.62
C LEU A 168 11.74 15.86 10.03
N ALA A 169 12.82 15.64 10.77
CA ALA A 169 14.17 16.01 10.27
C ALA A 169 14.56 15.11 9.09
N LYS A 170 14.23 13.83 9.19
CA LYS A 170 14.55 12.90 8.14
C LYS A 170 13.88 13.39 6.87
N ILE A 171 12.59 13.72 6.96
CA ILE A 171 11.87 14.20 5.78
C ILE A 171 12.49 15.46 5.18
N ARG A 172 12.72 16.49 5.99
CA ARG A 172 13.29 17.74 5.48
C ARG A 172 14.66 17.50 4.83
N HIS A 173 15.41 16.53 5.34
CA HIS A 173 16.70 16.23 4.77
C HIS A 173 16.57 15.56 3.39
N ASN A 174 15.78 14.50 3.32
CA ASN A 174 15.60 13.78 2.06
C ASN A 174 14.76 14.50 1.03
N PHE A 175 13.82 15.31 1.50
CA PHE A 175 12.96 16.04 0.56
C PHE A 175 12.85 17.50 1.01
N PRO A 176 13.93 18.27 0.80
CA PRO A 176 14.08 19.70 1.14
C PRO A 176 12.98 20.59 0.57
N GLN A 177 12.50 20.28 -0.62
CA GLN A 177 11.44 21.06 -1.24
C GLN A 177 10.02 20.55 -1.01
N ALA A 178 9.84 19.48 -0.23
CA ALA A 178 8.50 18.96 0.04
C ALA A 178 7.71 20.06 0.73
N ILE A 179 6.45 20.21 0.36
CA ILE A 179 5.63 21.26 0.94
C ILE A 179 4.66 20.78 2.03
N ALA A 180 4.39 19.48 2.05
CA ALA A 180 3.45 18.89 3.02
C ALA A 180 3.70 17.39 3.11
N VAL A 181 3.28 16.80 4.22
CA VAL A 181 3.45 15.36 4.39
C VAL A 181 2.14 14.74 4.90
N GLU A 182 1.80 13.58 4.39
CA GLU A 182 0.60 12.89 4.87
C GLU A 182 0.75 11.38 4.67
N MET A 183 -0.33 10.61 4.61
CA MET A 183 -0.21 9.15 4.52
C MET A 183 -0.94 8.36 3.41
N GLU A 184 -1.49 9.00 2.39
CA GLU A 184 -2.22 8.27 1.36
C GLU A 184 -2.01 8.75 -0.08
N ALA A 185 -1.66 10.01 -0.23
CA ALA A 185 -1.49 10.62 -1.54
C ALA A 185 -0.68 9.77 -2.54
N THR A 186 0.56 9.44 -2.20
CA THR A 186 1.45 8.67 -3.09
C THR A 186 0.97 7.26 -3.41
N ALA A 187 0.23 6.65 -2.47
CA ALA A 187 -0.30 5.31 -2.71
C ALA A 187 -1.35 5.43 -3.79
N ILE A 188 -2.13 6.51 -3.71
CA ILE A 188 -3.20 6.75 -4.68
C ILE A 188 -2.59 7.10 -6.04
N ALA A 189 -1.53 7.93 -6.04
CA ALA A 189 -0.85 8.32 -7.27
C ALA A 189 -0.28 7.08 -7.95
N HIS A 190 0.27 6.18 -7.14
CA HIS A 190 0.88 4.94 -7.60
C HIS A 190 -0.16 4.06 -8.29
N VAL A 191 -1.32 3.88 -7.66
CA VAL A 191 -2.39 3.08 -8.26
C VAL A 191 -2.89 3.74 -9.55
N CYS A 192 -3.06 5.06 -9.54
CA CYS A 192 -3.54 5.79 -10.70
C CYS A 192 -2.54 5.67 -11.84
N HIS A 193 -1.25 5.62 -11.49
CA HIS A 193 -0.21 5.50 -12.49
C HIS A 193 -0.33 4.15 -13.22
N ASN A 194 -0.53 3.09 -12.44
CA ASN A 194 -0.62 1.76 -13.00
C ASN A 194 -1.89 1.56 -13.82
N PHE A 195 -2.89 2.37 -13.55
CA PHE A 195 -4.13 2.26 -14.32
C PHE A 195 -4.22 3.37 -15.36
N ASN A 196 -3.17 4.19 -15.43
CA ASN A 196 -3.10 5.31 -16.35
C ASN A 196 -4.26 6.29 -16.16
N VAL A 197 -4.52 6.68 -14.91
CA VAL A 197 -5.60 7.62 -14.61
C VAL A 197 -5.06 8.95 -14.04
N PRO A 198 -5.55 10.11 -14.55
CA PRO A 198 -5.13 11.44 -14.09
C PRO A 198 -5.53 11.68 -12.62
N PHE A 199 -4.61 12.25 -11.84
CA PHE A 199 -4.91 12.52 -10.43
C PHE A 199 -4.34 13.85 -9.97
N VAL A 200 -4.87 14.32 -8.85
CA VAL A 200 -4.38 15.51 -8.24
C VAL A 200 -4.72 15.45 -6.76
N VAL A 201 -3.84 16.02 -5.95
CA VAL A 201 -4.02 16.05 -4.51
C VAL A 201 -4.30 17.50 -4.13
N VAL A 202 -5.42 17.72 -3.45
CA VAL A 202 -5.78 19.06 -2.99
C VAL A 202 -6.19 18.90 -1.53
N ARG A 203 -5.27 19.18 -0.63
CA ARG A 203 -5.52 19.04 0.79
C ARG A 203 -5.38 20.38 1.53
N ALA A 204 -5.66 20.36 2.83
CA ALA A 204 -5.57 21.58 3.65
C ALA A 204 -4.76 21.30 4.93
N ILE A 205 -4.06 22.32 5.42
CA ILE A 205 -3.21 22.21 6.60
C ILE A 205 -3.97 22.10 7.94
N SER A 206 -3.58 21.13 8.75
CA SER A 206 -4.22 20.90 10.04
C SER A 206 -3.16 20.97 11.14
N ASP A 207 -1.89 21.03 10.74
CA ASP A 207 -0.79 21.06 11.69
C ASP A 207 0.51 21.25 10.92
N VAL A 208 1.64 21.42 11.62
CA VAL A 208 2.90 21.57 10.88
C VAL A 208 3.91 20.48 11.18
N ALA A 209 3.40 19.29 11.50
CA ALA A 209 4.23 18.10 11.76
C ALA A 209 5.32 18.22 12.81
N ASP A 210 5.19 19.20 13.70
CA ASP A 210 6.19 19.36 14.75
C ASP A 210 5.69 18.66 16.02
N GLN A 211 6.36 18.90 17.14
CA GLN A 211 6.03 18.28 18.42
C GLN A 211 4.59 18.40 18.92
N GLN A 212 3.83 19.37 18.41
CA GLN A 212 2.44 19.51 18.82
C GLN A 212 1.47 19.21 17.68
N SER A 213 1.98 18.60 16.61
CA SER A 213 1.16 18.28 15.47
C SER A 213 -0.08 17.46 15.84
N HIS A 214 0.06 16.61 16.85
CA HIS A 214 -1.04 15.77 17.32
C HIS A 214 -2.15 16.62 18.01
N LEU A 215 -1.74 17.65 18.75
CA LEU A 215 -2.68 18.53 19.43
C LEU A 215 -3.31 19.45 18.40
N SER A 216 -2.48 19.98 17.52
CA SER A 216 -2.96 20.87 16.48
C SER A 216 -3.96 20.11 15.62
N PHE A 217 -3.65 18.84 15.33
CA PHE A 217 -4.54 17.99 14.52
C PHE A 217 -5.91 17.90 15.19
N ASP A 218 -5.94 17.61 16.48
CA ASP A 218 -7.21 17.52 17.23
C ASP A 218 -8.04 18.79 17.13
N GLU A 219 -7.37 19.94 17.20
CA GLU A 219 -8.04 21.22 17.13
C GLU A 219 -8.42 21.76 15.75
N PHE A 220 -7.62 21.44 14.73
CA PHE A 220 -7.87 21.96 13.38
C PHE A 220 -8.24 21.00 12.23
N LEU A 221 -8.47 19.74 12.52
CA LEU A 221 -8.82 18.81 11.46
C LEU A 221 -10.07 19.36 10.75
N ALA A 222 -10.98 19.91 11.55
CA ALA A 222 -12.24 20.45 11.05
C ALA A 222 -12.06 21.55 10.02
N VAL A 223 -11.19 22.51 10.30
CA VAL A 223 -11.00 23.60 9.32
C VAL A 223 -10.28 23.07 8.07
N ALA A 224 -9.44 22.06 8.23
CA ALA A 224 -8.73 21.51 7.08
C ALA A 224 -9.73 20.74 6.20
N ALA A 225 -10.65 20.03 6.86
CA ALA A 225 -11.68 19.26 6.16
C ALA A 225 -12.60 20.22 5.41
N LYS A 226 -13.02 21.28 6.10
CA LYS A 226 -13.89 22.29 5.50
C LYS A 226 -13.22 22.99 4.31
N GLN A 227 -12.01 23.48 4.50
CA GLN A 227 -11.31 24.17 3.43
C GLN A 227 -11.01 23.25 2.24
N SER A 228 -10.59 22.02 2.54
N SER A 228 -10.59 22.02 2.54
CA SER A 228 -10.31 21.07 1.47
CA SER A 228 -10.31 21.06 1.47
C SER A 228 -11.60 20.76 0.70
C SER A 228 -11.59 20.74 0.71
N SER A 229 -12.68 20.54 1.45
CA SER A 229 -13.97 20.22 0.84
C SER A 229 -14.48 21.35 -0.06
N LEU A 230 -14.35 22.59 0.41
CA LEU A 230 -14.77 23.75 -0.37
C LEU A 230 -13.99 23.75 -1.70
N MET A 231 -12.68 23.51 -1.62
CA MET A 231 -11.84 23.46 -2.81
C MET A 231 -12.27 22.33 -3.74
N VAL A 232 -12.54 21.15 -3.19
CA VAL A 232 -12.96 20.06 -4.05
C VAL A 232 -14.25 20.44 -4.77
N GLU A 233 -15.24 20.94 -4.02
CA GLU A 233 -16.50 21.33 -4.63
C GLU A 233 -16.27 22.30 -5.80
N SER A 234 -15.47 23.35 -5.59
CA SER A 234 -15.17 24.32 -6.66
C SER A 234 -14.45 23.67 -7.85
N LEU A 235 -13.52 22.78 -7.56
CA LEU A 235 -12.77 22.10 -8.60
C LEU A 235 -13.67 21.18 -9.41
N VAL A 236 -14.60 20.50 -8.76
CA VAL A 236 -15.48 19.61 -9.51
C VAL A 236 -16.28 20.46 -10.50
N GLN A 237 -16.74 21.62 -10.04
CA GLN A 237 -17.52 22.49 -10.89
C GLN A 237 -16.71 23.07 -12.06
N LYS A 238 -15.48 23.49 -11.79
CA LYS A 238 -14.66 24.04 -12.85
C LYS A 238 -14.30 22.98 -13.90
N LEU A 239 -14.08 21.75 -13.46
CA LEU A 239 -13.75 20.69 -14.40
C LEU A 239 -14.99 20.34 -15.25
N ALA A 240 -16.17 20.48 -14.65
CA ALA A 240 -17.41 20.15 -15.36
C ALA A 240 -17.80 21.19 -16.39
N HIS A 241 -17.68 22.45 -16.02
CA HIS A 241 -18.06 23.50 -16.93
C HIS A 241 -16.95 24.48 -17.27
N GLY A 242 -16.53 25.31 -16.32
CA GLY A 242 -15.47 26.24 -16.60
C GLY A 242 -15.34 27.35 -15.57
N MET B 11 -11.96 -26.17 -5.37
CA MET B 11 -10.88 -25.45 -4.59
C MET B 11 -9.90 -24.68 -5.46
N LYS B 12 -9.82 -23.36 -5.23
CA LYS B 12 -8.92 -22.51 -5.99
C LYS B 12 -7.87 -21.88 -5.07
N ILE B 13 -6.60 -22.11 -5.36
CA ILE B 13 -5.55 -21.56 -4.52
C ILE B 13 -4.86 -20.36 -5.18
N GLY B 14 -4.90 -19.23 -4.49
CA GLY B 14 -4.27 -18.03 -5.01
C GLY B 14 -2.81 -18.01 -4.53
N ILE B 15 -1.91 -17.51 -5.37
CA ILE B 15 -0.49 -17.42 -5.04
C ILE B 15 0.00 -16.06 -5.51
N ILE B 16 0.72 -15.36 -4.65
CA ILE B 16 1.25 -14.03 -4.97
C ILE B 16 2.76 -13.98 -4.76
N GLY B 17 3.44 -13.45 -5.78
CA GLY B 17 4.89 -13.28 -5.74
C GLY B 17 5.15 -11.87 -6.24
N ALA B 18 6.15 -11.20 -5.68
CA ALA B 18 6.43 -9.83 -6.09
C ALA B 18 7.23 -9.78 -7.38
N MET B 19 8.39 -10.44 -7.35
CA MET B 19 9.31 -10.45 -8.47
C MET B 19 9.08 -11.55 -9.50
N GLU B 20 9.42 -11.26 -10.75
CA GLU B 20 9.24 -12.26 -11.80
C GLU B 20 10.04 -13.52 -11.47
N GLU B 21 11.23 -13.33 -10.92
CA GLU B 21 12.09 -14.43 -10.53
C GLU B 21 11.42 -15.28 -9.45
N GLU B 22 10.52 -14.68 -8.67
CA GLU B 22 9.87 -15.42 -7.60
C GLU B 22 8.65 -16.22 -8.10
N VAL B 23 8.14 -15.87 -9.28
CA VAL B 23 6.98 -16.55 -9.82
C VAL B 23 7.22 -17.35 -11.10
N THR B 24 8.40 -17.20 -11.68
CA THR B 24 8.68 -17.87 -12.94
C THR B 24 8.66 -19.39 -12.90
N LEU B 25 9.21 -20.02 -11.88
CA LEU B 25 9.18 -21.47 -11.84
C LEU B 25 7.73 -22.00 -11.75
N LEU B 26 6.88 -21.31 -10.99
CA LEU B 26 5.49 -21.70 -10.83
C LEU B 26 4.70 -21.48 -12.11
N ARG B 27 4.91 -20.31 -12.71
CA ARG B 27 4.25 -19.94 -13.95
C ARG B 27 4.55 -21.02 -15.00
N ASP B 28 5.77 -21.56 -14.96
CA ASP B 28 6.15 -22.57 -15.92
C ASP B 28 5.42 -23.89 -15.77
N LYS B 29 5.02 -24.23 -14.54
CA LYS B 29 4.31 -25.48 -14.30
C LYS B 29 2.79 -25.38 -14.45
N ILE B 30 2.25 -24.19 -14.62
CA ILE B 30 0.80 -24.07 -14.74
C ILE B 30 0.32 -24.48 -16.14
N GLU B 31 -0.52 -25.52 -16.17
CA GLU B 31 -1.09 -26.05 -17.41
C GLU B 31 -2.49 -25.49 -17.58
N ASN B 32 -2.99 -25.48 -18.82
CA ASN B 32 -4.31 -24.89 -19.11
C ASN B 32 -4.21 -23.43 -18.69
N ARG B 33 -3.03 -22.89 -18.93
CA ARG B 33 -2.63 -21.53 -18.57
C ARG B 33 -3.15 -20.42 -19.45
N GLN B 34 -3.65 -19.38 -18.78
CA GLN B 34 -4.15 -18.15 -19.41
C GLN B 34 -3.58 -16.96 -18.62
N THR B 35 -3.39 -15.84 -19.31
CA THR B 35 -2.84 -14.65 -18.66
C THR B 35 -3.77 -13.47 -18.73
N ILE B 36 -3.95 -12.79 -17.60
CA ILE B 36 -4.77 -11.58 -17.50
C ILE B 36 -3.79 -10.44 -17.16
N SER B 37 -3.84 -9.34 -17.93
CA SER B 37 -2.98 -8.19 -17.68
C SER B 37 -3.80 -6.98 -17.23
N LEU B 38 -3.79 -6.71 -15.93
CA LEU B 38 -4.53 -5.59 -15.36
C LEU B 38 -3.70 -4.74 -14.40
N GLY B 39 -3.98 -3.44 -14.37
CA GLY B 39 -3.29 -2.52 -13.49
C GLY B 39 -1.79 -2.72 -13.32
N GLY B 40 -1.10 -3.03 -14.42
CA GLY B 40 0.33 -3.23 -14.35
C GLY B 40 0.77 -4.54 -13.72
N CYS B 41 -0.19 -5.43 -13.49
N CYS B 41 -0.16 -5.44 -13.48
CA CYS B 41 0.09 -6.73 -12.90
CA CYS B 41 0.19 -6.73 -12.90
C CYS B 41 -0.28 -7.86 -13.86
C CYS B 41 -0.29 -7.86 -13.81
N GLU B 42 0.21 -9.06 -13.55
CA GLU B 42 -0.13 -10.23 -14.36
C GLU B 42 -0.62 -11.36 -13.48
N ILE B 43 -1.70 -12.00 -13.92
CA ILE B 43 -2.27 -13.15 -13.22
C ILE B 43 -2.31 -14.33 -14.18
N TYR B 44 -1.84 -15.48 -13.71
CA TYR B 44 -1.83 -16.67 -14.53
C TYR B 44 -2.75 -17.72 -13.89
N THR B 45 -3.79 -18.11 -14.62
CA THR B 45 -4.74 -19.08 -14.15
C THR B 45 -4.50 -20.44 -14.82
N GLY B 46 -4.91 -21.51 -14.14
CA GLY B 46 -4.75 -22.84 -14.67
C GLY B 46 -4.62 -23.85 -13.54
N GLN B 47 -3.93 -24.95 -13.83
CA GLN B 47 -3.73 -26.01 -12.85
C GLN B 47 -2.27 -26.26 -12.55
N LEU B 48 -1.98 -26.42 -11.27
CA LEU B 48 -0.65 -26.73 -10.82
C LEU B 48 -0.78 -28.17 -10.35
N ASN B 49 -0.18 -29.09 -11.10
CA ASN B 49 -0.23 -30.51 -10.75
C ASN B 49 -1.65 -30.95 -10.44
N GLY B 50 -2.60 -30.55 -11.28
CA GLY B 50 -4.00 -30.92 -11.08
C GLY B 50 -4.86 -30.02 -10.18
N THR B 51 -4.30 -28.98 -9.58
CA THR B 51 -5.11 -28.13 -8.71
C THR B 51 -5.30 -26.73 -9.30
N GLU B 52 -6.52 -26.22 -9.25
CA GLU B 52 -6.79 -24.90 -9.79
C GLU B 52 -6.05 -23.85 -8.95
N VAL B 53 -5.33 -22.96 -9.66
CA VAL B 53 -4.58 -21.88 -9.03
C VAL B 53 -4.72 -20.60 -9.82
N ALA B 54 -4.42 -19.50 -9.13
CA ALA B 54 -4.45 -18.16 -9.74
C ALA B 54 -3.15 -17.57 -9.23
N LEU B 55 -2.15 -17.43 -10.12
CA LEU B 55 -0.84 -16.91 -9.72
C LEU B 55 -0.66 -15.43 -10.11
N LEU B 56 -0.33 -14.60 -9.14
CA LEU B 56 -0.15 -13.17 -9.38
C LEU B 56 1.28 -12.66 -9.18
N LYS B 57 1.79 -11.92 -10.18
CA LYS B 57 3.08 -11.28 -10.09
C LYS B 57 2.67 -9.83 -9.79
N SER B 58 2.96 -9.35 -8.58
CA SER B 58 2.50 -8.01 -8.18
C SER B 58 3.43 -6.83 -8.31
N GLY B 59 4.71 -7.08 -8.17
CA GLY B 59 5.66 -5.99 -8.19
C GLY B 59 6.07 -5.86 -6.73
N ILE B 60 7.09 -5.04 -6.48
CA ILE B 60 7.68 -4.86 -5.14
C ILE B 60 7.04 -3.80 -4.22
N GLY B 61 6.99 -4.09 -2.91
CA GLY B 61 6.44 -3.11 -1.98
C GLY B 61 4.96 -3.23 -1.65
N LYS B 62 4.58 -2.56 -0.56
CA LYS B 62 3.23 -2.59 -0.02
C LYS B 62 2.08 -2.21 -0.93
N VAL B 63 2.20 -1.05 -1.58
CA VAL B 63 1.15 -0.56 -2.47
C VAL B 63 1.00 -1.46 -3.66
N ALA B 64 2.13 -1.87 -4.26
CA ALA B 64 2.04 -2.75 -5.42
C ALA B 64 1.35 -4.04 -4.99
N ALA B 65 1.76 -4.59 -3.85
CA ALA B 65 1.19 -5.83 -3.38
C ALA B 65 -0.30 -5.70 -3.07
N ALA B 66 -0.68 -4.57 -2.46
CA ALA B 66 -2.06 -4.28 -2.11
C ALA B 66 -2.96 -4.25 -3.37
N LEU B 67 -2.52 -3.47 -4.36
CA LEU B 67 -3.23 -3.32 -5.62
C LEU B 67 -3.41 -4.70 -6.26
N GLY B 68 -2.30 -5.42 -6.39
CA GLY B 68 -2.34 -6.75 -6.99
C GLY B 68 -3.20 -7.74 -6.24
N ALA B 69 -3.12 -7.74 -4.91
CA ALA B 69 -3.94 -8.67 -4.14
C ALA B 69 -5.43 -8.39 -4.38
N THR B 70 -5.76 -7.10 -4.46
CA THR B 70 -7.13 -6.66 -4.64
C THR B 70 -7.68 -7.16 -5.97
N LEU B 71 -6.87 -7.06 -7.03
CA LEU B 71 -7.30 -7.54 -8.34
C LEU B 71 -7.45 -9.05 -8.32
N LEU B 72 -6.50 -9.75 -7.69
CA LEU B 72 -6.58 -11.22 -7.61
C LEU B 72 -7.89 -11.69 -6.95
N LEU B 73 -8.21 -11.08 -5.80
CA LEU B 73 -9.43 -11.45 -5.09
C LEU B 73 -10.67 -11.07 -5.89
N GLU B 74 -10.68 -9.88 -6.46
CA GLU B 74 -11.81 -9.45 -7.27
C GLU B 74 -12.05 -10.30 -8.51
N HIS B 75 -11.01 -10.52 -9.30
CA HIS B 75 -11.15 -11.27 -10.54
C HIS B 75 -11.12 -12.78 -10.48
N CYS B 76 -10.50 -13.34 -9.46
CA CYS B 76 -10.39 -14.78 -9.41
C CYS B 76 -11.06 -15.42 -8.22
N LYS B 77 -11.32 -14.63 -7.18
CA LYS B 77 -11.97 -15.12 -5.98
C LYS B 77 -11.39 -16.43 -5.44
N PRO B 78 -10.08 -16.44 -5.13
CA PRO B 78 -9.48 -17.68 -4.59
C PRO B 78 -10.00 -17.98 -3.18
N ASP B 79 -9.93 -19.24 -2.78
CA ASP B 79 -10.41 -19.65 -1.46
C ASP B 79 -9.41 -19.26 -0.36
N VAL B 80 -8.11 -19.37 -0.69
CA VAL B 80 -7.07 -19.02 0.26
C VAL B 80 -5.96 -18.37 -0.54
N ILE B 81 -5.06 -17.68 0.15
CA ILE B 81 -3.93 -17.02 -0.51
C ILE B 81 -2.61 -17.47 0.11
N ILE B 82 -1.64 -17.80 -0.76
CA ILE B 82 -0.29 -18.17 -0.34
C ILE B 82 0.69 -17.09 -0.89
N ASN B 83 1.47 -16.47 0.00
CA ASN B 83 2.45 -15.46 -0.43
C ASN B 83 3.82 -16.14 -0.47
N THR B 84 4.43 -16.14 -1.66
CA THR B 84 5.71 -16.79 -1.89
C THR B 84 6.83 -15.78 -2.19
N GLY B 85 8.08 -16.25 -2.20
CA GLY B 85 9.20 -15.39 -2.50
C GLY B 85 10.36 -15.49 -1.54
N SER B 86 11.29 -14.55 -1.67
CA SER B 86 12.49 -14.47 -0.83
C SER B 86 12.22 -13.66 0.45
N ALA B 87 13.23 -13.57 1.31
CA ALA B 87 13.12 -12.83 2.56
C ALA B 87 14.45 -12.70 3.30
N GLY B 88 14.54 -11.67 4.14
CA GLY B 88 15.73 -11.44 4.94
C GLY B 88 15.53 -12.18 6.24
N GLY B 89 16.46 -13.08 6.58
CA GLY B 89 16.30 -13.86 7.80
C GLY B 89 16.69 -13.07 9.03
N LEU B 90 15.88 -13.18 10.08
CA LEU B 90 16.16 -12.50 11.34
C LEU B 90 16.45 -13.44 12.50
N ALA B 91 15.73 -14.58 12.55
CA ALA B 91 15.92 -15.59 13.60
C ALA B 91 17.29 -16.25 13.43
N PRO B 92 18.05 -16.40 14.52
CA PRO B 92 19.40 -16.99 14.58
C PRO B 92 19.75 -18.30 13.88
N THR B 93 18.78 -19.21 13.71
CA THR B 93 19.08 -20.50 13.07
C THR B 93 18.86 -20.51 11.54
N LEU B 94 18.35 -19.42 10.99
CA LEU B 94 18.11 -19.36 9.55
C LEU B 94 19.39 -19.20 8.71
N LYS B 95 19.41 -19.92 7.59
CA LYS B 95 20.50 -19.84 6.65
C LYS B 95 19.90 -19.65 5.27
N VAL B 96 20.70 -19.16 4.35
CA VAL B 96 20.24 -18.96 2.99
C VAL B 96 19.57 -20.26 2.51
N GLY B 97 18.39 -20.14 1.90
CA GLY B 97 17.70 -21.32 1.43
C GLY B 97 16.60 -21.83 2.35
N ASP B 98 16.72 -21.57 3.65
CA ASP B 98 15.74 -22.04 4.64
C ASP B 98 14.36 -21.40 4.52
N ILE B 99 13.35 -22.16 4.94
CA ILE B 99 11.96 -21.73 4.86
C ILE B 99 11.46 -20.95 6.08
N VAL B 100 10.67 -19.90 5.84
CA VAL B 100 10.02 -19.16 6.93
C VAL B 100 8.52 -19.21 6.69
N VAL B 101 7.78 -19.53 7.76
CA VAL B 101 6.34 -19.61 7.70
C VAL B 101 5.74 -18.58 8.68
N SER B 102 4.80 -17.79 8.21
CA SER B 102 4.15 -16.80 9.04
C SER B 102 3.10 -17.35 9.99
N ASP B 103 3.20 -16.98 11.26
CA ASP B 103 2.17 -17.30 12.26
C ASP B 103 1.32 -16.03 12.11
N GLU B 104 2.02 -14.94 11.79
CA GLU B 104 1.43 -13.62 11.71
C GLU B 104 2.29 -12.61 10.94
N ALA B 105 1.67 -11.53 10.48
CA ALA B 105 2.35 -10.46 9.75
C ALA B 105 2.04 -9.06 10.35
N ARG B 106 3.08 -8.24 10.49
CA ARG B 106 2.96 -6.87 11.01
C ARG B 106 3.81 -5.89 10.22
N TYR B 107 3.33 -4.65 10.11
CA TYR B 107 4.10 -3.61 9.43
C TYR B 107 5.17 -3.12 10.42
N HIS B 108 6.44 -3.19 10.03
CA HIS B 108 7.48 -2.72 10.91
C HIS B 108 7.70 -1.23 10.70
N ASP B 109 7.07 -0.65 9.68
CA ASP B 109 7.25 0.77 9.41
C ASP B 109 6.00 1.68 9.52
N ALA B 110 4.97 1.21 10.23
CA ALA B 110 3.76 2.02 10.44
C ALA B 110 3.83 2.57 11.88
N ASP B 111 3.64 3.88 12.02
CA ASP B 111 3.69 4.50 13.34
C ASP B 111 2.67 5.62 13.55
N VAL B 112 1.59 5.28 14.23
CA VAL B 112 0.54 6.26 14.55
C VAL B 112 0.39 6.19 16.08
N THR B 113 1.50 5.93 16.77
CA THR B 113 1.47 5.80 18.23
C THR B 113 1.12 7.11 18.91
N ALA B 114 1.27 8.22 18.18
CA ALA B 114 0.95 9.54 18.71
C ALA B 114 -0.52 9.59 19.10
N PHE B 115 -1.35 8.79 18.43
CA PHE B 115 -2.78 8.73 18.76
C PHE B 115 -3.11 7.48 19.60
N GLY B 116 -2.10 6.79 20.11
CA GLY B 116 -2.41 5.63 20.92
C GLY B 116 -2.53 4.25 20.29
N TYR B 117 -2.20 4.13 19.01
CA TYR B 117 -2.25 2.81 18.39
C TYR B 117 -0.92 2.11 18.71
N GLU B 118 -0.93 0.79 18.65
CA GLU B 118 0.27 0.00 18.90
C GLU B 118 1.26 0.25 17.76
N TYR B 119 2.56 0.19 18.05
CA TYR B 119 3.51 0.42 16.96
C TYR B 119 3.29 -0.65 15.87
N GLY B 120 3.34 -0.23 14.61
CA GLY B 120 3.11 -1.16 13.52
C GLY B 120 1.63 -1.26 13.15
N GLN B 121 0.76 -0.77 14.02
CA GLN B 121 -0.67 -0.83 13.78
C GLN B 121 -1.25 0.43 13.08
N LEU B 122 -2.03 0.20 12.01
CA LEU B 122 -2.67 1.32 11.29
C LEU B 122 -4.13 1.35 11.79
N PRO B 123 -4.68 2.55 12.02
CA PRO B 123 -6.07 2.66 12.49
C PRO B 123 -7.00 1.90 11.56
N GLY B 124 -7.91 1.13 12.16
CA GLY B 124 -8.86 0.35 11.37
C GLY B 124 -8.43 -1.07 11.14
N CYS B 125 -7.24 -1.41 11.64
CA CYS B 125 -6.67 -2.74 11.50
C CYS B 125 -6.21 -3.28 12.85
N PRO B 126 -6.07 -4.62 12.95
CA PRO B 126 -5.60 -5.18 14.22
C PRO B 126 -4.09 -4.86 14.18
N ALA B 127 -3.44 -4.87 15.35
CA ALA B 127 -2.01 -4.60 15.43
C ALA B 127 -1.21 -5.55 14.51
N GLY B 128 -1.71 -6.78 14.39
CA GLY B 128 -1.08 -7.80 13.56
C GLY B 128 -2.10 -8.70 12.88
N PHE B 129 -1.72 -9.29 11.76
CA PHE B 129 -2.63 -10.15 11.00
C PHE B 129 -2.20 -11.60 11.19
N LYS B 130 -3.15 -12.46 11.55
CA LYS B 130 -2.87 -13.87 11.79
C LYS B 130 -3.09 -14.75 10.58
N ALA B 131 -2.07 -15.56 10.29
CA ALA B 131 -2.11 -16.47 9.17
C ALA B 131 -3.02 -17.63 9.60
N ASP B 132 -3.56 -18.36 8.62
CA ASP B 132 -4.47 -19.46 8.88
C ASP B 132 -3.84 -20.72 9.46
N ASP B 133 -4.42 -21.24 10.53
CA ASP B 133 -3.92 -22.45 11.19
C ASP B 133 -3.82 -23.69 10.32
N LYS B 134 -4.85 -23.96 9.52
CA LYS B 134 -4.82 -25.13 8.65
C LYS B 134 -3.71 -24.96 7.61
N LEU B 135 -3.63 -23.78 7.01
CA LEU B 135 -2.58 -23.50 6.03
C LEU B 135 -1.21 -23.70 6.68
N ILE B 136 -1.05 -23.26 7.92
CA ILE B 136 0.23 -23.41 8.63
C ILE B 136 0.57 -24.88 8.90
N ALA B 137 -0.42 -25.66 9.31
CA ALA B 137 -0.20 -27.08 9.60
C ALA B 137 0.22 -27.82 8.33
N ALA B 138 -0.51 -27.59 7.26
CA ALA B 138 -0.19 -28.21 5.99
C ALA B 138 1.24 -27.83 5.58
N ALA B 139 1.63 -26.57 5.77
CA ALA B 139 2.99 -26.14 5.39
C ALA B 139 4.04 -26.89 6.19
N GLU B 140 3.78 -27.02 7.50
CA GLU B 140 4.66 -27.71 8.41
C GLU B 140 4.84 -29.19 8.05
N ALA B 141 3.77 -29.81 7.54
CA ALA B 141 3.80 -31.23 7.15
C ALA B 141 4.64 -31.41 5.88
N CYS B 142 4.54 -30.46 4.95
CA CYS B 142 5.35 -30.51 3.74
C CYS B 142 6.82 -30.32 4.16
N ILE B 143 7.07 -29.35 5.05
CA ILE B 143 8.41 -29.08 5.57
C ILE B 143 9.04 -30.36 6.14
N ALA B 144 8.27 -31.10 6.93
CA ALA B 144 8.73 -32.35 7.53
C ALA B 144 8.95 -33.41 6.45
N GLU B 145 7.96 -33.59 5.59
CA GLU B 145 8.05 -34.57 4.53
C GLU B 145 9.25 -34.35 3.60
N LEU B 146 9.70 -33.10 3.48
CA LEU B 146 10.81 -32.79 2.61
C LEU B 146 12.14 -32.63 3.34
N ASN B 147 12.11 -32.80 4.66
CA ASN B 147 13.30 -32.67 5.48
C ASN B 147 13.94 -31.29 5.35
N LEU B 148 13.10 -30.25 5.31
CA LEU B 148 13.59 -28.88 5.19
C LEU B 148 13.82 -28.23 6.55
N ASN B 149 14.72 -27.25 6.63
CA ASN B 149 14.90 -26.56 7.91
C ASN B 149 14.10 -25.27 7.81
N ALA B 150 13.14 -25.12 8.71
CA ALA B 150 12.29 -23.95 8.69
C ALA B 150 12.03 -23.39 10.07
N VAL B 151 11.54 -22.15 10.11
CA VAL B 151 11.19 -21.48 11.36
C VAL B 151 9.80 -20.86 11.13
N ARG B 152 8.99 -20.90 12.17
CA ARG B 152 7.63 -20.39 12.13
C ARG B 152 7.49 -19.19 13.06
N GLY B 153 6.71 -18.19 12.68
CA GLY B 153 6.57 -17.04 13.56
C GLY B 153 6.23 -15.72 12.90
N LEU B 154 6.61 -14.63 13.56
CA LEU B 154 6.30 -13.30 13.04
C LEU B 154 7.14 -12.80 11.86
N ILE B 155 6.46 -12.35 10.82
CA ILE B 155 7.12 -11.79 9.65
C ILE B 155 6.75 -10.31 9.52
N VAL B 156 7.76 -9.45 9.49
CA VAL B 156 7.53 -8.00 9.39
C VAL B 156 7.77 -7.42 8.00
N SER B 157 6.86 -6.57 7.55
CA SER B 157 6.95 -5.94 6.22
C SER B 157 7.16 -4.44 6.29
N GLY B 158 7.81 -3.91 5.26
CA GLY B 158 8.07 -2.49 5.19
C GLY B 158 8.46 -2.15 3.76
N ASP B 159 8.51 -0.87 3.41
CA ASP B 159 8.90 -0.47 2.05
C ASP B 159 10.39 -0.17 1.98
N ALA B 160 11.19 -0.94 2.71
CA ALA B 160 12.64 -0.75 2.71
C ALA B 160 13.40 -2.07 2.67
N PHE B 161 14.46 -2.13 1.89
CA PHE B 161 15.28 -3.34 1.84
C PHE B 161 16.21 -3.20 3.05
N ILE B 162 16.17 -4.14 3.99
CA ILE B 162 16.99 -4.03 5.19
C ILE B 162 18.44 -4.40 4.95
N ASN B 163 19.33 -3.53 5.40
CA ASN B 163 20.75 -3.69 5.14
C ASN B 163 21.62 -3.37 6.37
N GLY B 164 21.27 -3.98 7.51
CA GLY B 164 22.00 -3.72 8.74
C GLY B 164 21.84 -2.30 9.22
N SER B 165 22.78 -1.84 10.04
CA SER B 165 22.78 -0.47 10.55
C SER B 165 21.53 -0.06 11.34
N VAL B 166 21.07 1.18 11.14
CA VAL B 166 19.91 1.72 11.84
C VAL B 166 18.57 1.05 11.47
N GLY B 167 18.39 0.78 10.18
CA GLY B 167 17.17 0.14 9.75
C GLY B 167 16.99 -1.22 10.43
N LEU B 168 18.07 -2.00 10.53
CA LEU B 168 17.95 -3.30 11.18
C LEU B 168 17.74 -3.14 12.69
N ALA B 169 18.42 -2.16 13.28
CA ALA B 169 18.31 -1.92 14.71
C ALA B 169 16.88 -1.55 15.11
N LYS B 170 16.25 -0.74 14.27
CA LYS B 170 14.91 -0.30 14.58
C LYS B 170 13.94 -1.49 14.57
N ILE B 171 14.15 -2.40 13.62
CA ILE B 171 13.29 -3.57 13.54
C ILE B 171 13.49 -4.44 14.78
N ARG B 172 14.74 -4.65 15.18
CA ARG B 172 15.06 -5.44 16.37
C ARG B 172 14.41 -4.89 17.63
N HIS B 173 14.42 -3.56 17.76
CA HIS B 173 13.85 -2.83 18.88
C HIS B 173 12.34 -3.07 19.03
N ASN B 174 11.60 -2.84 17.95
CA ASN B 174 10.16 -2.99 17.94
C ASN B 174 9.64 -4.43 17.84
N PHE B 175 10.39 -5.28 17.18
CA PHE B 175 9.97 -6.67 17.00
C PHE B 175 11.13 -7.64 17.23
N PRO B 176 11.57 -7.77 18.49
CA PRO B 176 12.67 -8.67 18.85
C PRO B 176 12.43 -10.13 18.44
N GLN B 177 11.18 -10.56 18.32
CA GLN B 177 10.96 -11.94 17.92
C GLN B 177 10.60 -12.14 16.45
N ALA B 178 10.62 -11.08 15.65
CA ALA B 178 10.34 -11.23 14.22
C ALA B 178 11.37 -12.23 13.68
N ILE B 179 10.92 -13.19 12.87
CA ILE B 179 11.84 -14.19 12.33
C ILE B 179 12.37 -13.82 10.94
N ALA B 180 11.71 -12.87 10.28
CA ALA B 180 12.14 -12.45 8.95
C ALA B 180 11.51 -11.12 8.58
N VAL B 181 12.14 -10.46 7.62
CA VAL B 181 11.62 -9.20 7.13
C VAL B 181 11.58 -9.16 5.60
N GLU B 182 10.53 -8.55 5.09
CA GLU B 182 10.38 -8.40 3.66
C GLU B 182 9.52 -7.17 3.34
N MET B 183 8.90 -7.11 2.18
CA MET B 183 8.18 -5.88 1.80
C MET B 183 6.77 -5.99 1.25
N GLU B 184 6.16 -7.16 1.28
CA GLU B 184 4.81 -7.31 0.72
C GLU B 184 3.82 -8.09 1.55
N ALA B 185 4.31 -9.08 2.30
CA ALA B 185 3.47 -9.94 3.11
C ALA B 185 2.35 -9.30 3.93
N THR B 186 2.66 -8.27 4.73
CA THR B 186 1.63 -7.65 5.57
C THR B 186 0.57 -6.90 4.75
N ALA B 187 0.94 -6.41 3.58
CA ALA B 187 0.00 -5.70 2.71
C ALA B 187 -0.99 -6.72 2.17
N ILE B 188 -0.46 -7.87 1.78
CA ILE B 188 -1.30 -8.96 1.30
C ILE B 188 -2.22 -9.39 2.45
N ALA B 189 -1.65 -9.59 3.63
CA ALA B 189 -2.44 -9.98 4.82
C ALA B 189 -3.60 -8.99 5.10
N HIS B 190 -3.29 -7.69 5.07
CA HIS B 190 -4.23 -6.60 5.32
C HIS B 190 -5.39 -6.64 4.29
N VAL B 191 -5.09 -6.86 3.03
CA VAL B 191 -6.12 -6.93 2.02
C VAL B 191 -6.95 -8.20 2.22
N CYS B 192 -6.29 -9.32 2.52
CA CYS B 192 -7.02 -10.58 2.77
C CYS B 192 -7.95 -10.41 3.98
N HIS B 193 -7.50 -9.62 4.95
CA HIS B 193 -8.28 -9.34 6.16
C HIS B 193 -9.60 -8.63 5.79
N ASN B 194 -9.50 -7.60 4.98
CA ASN B 194 -10.66 -6.82 4.57
C ASN B 194 -11.68 -7.68 3.80
N PHE B 195 -11.20 -8.74 3.14
CA PHE B 195 -12.06 -9.64 2.37
C PHE B 195 -12.33 -10.98 3.07
N ASN B 196 -11.83 -11.12 4.29
CA ASN B 196 -12.01 -12.38 5.04
C ASN B 196 -11.48 -13.60 4.29
N VAL B 197 -10.27 -13.51 3.75
CA VAL B 197 -9.68 -14.63 3.05
C VAL B 197 -8.51 -15.16 3.85
N PRO B 198 -8.41 -16.49 4.00
CA PRO B 198 -7.25 -16.95 4.78
C PRO B 198 -5.98 -16.85 3.96
N PHE B 199 -4.87 -16.60 4.65
CA PHE B 199 -3.57 -16.49 4.00
C PHE B 199 -2.51 -17.13 4.88
N VAL B 200 -1.37 -17.38 4.25
CA VAL B 200 -0.20 -17.89 4.92
C VAL B 200 0.96 -17.41 4.04
N VAL B 201 2.09 -17.15 4.68
CA VAL B 201 3.29 -16.71 4.00
C VAL B 201 4.32 -17.83 4.04
N VAL B 202 4.80 -18.25 2.87
CA VAL B 202 5.83 -19.28 2.81
C VAL B 202 6.96 -18.80 1.92
N ARG B 203 7.99 -18.25 2.54
CA ARG B 203 9.14 -17.72 1.82
C ARG B 203 10.44 -18.40 2.21
N ALA B 204 11.48 -18.18 1.42
CA ALA B 204 12.80 -18.75 1.66
C ALA B 204 13.81 -17.62 1.82
N ILE B 205 14.82 -17.85 2.65
CA ILE B 205 15.85 -16.86 2.96
C ILE B 205 16.92 -16.59 1.88
N SER B 206 17.04 -15.33 1.47
CA SER B 206 18.03 -14.96 0.45
C SER B 206 19.22 -14.20 1.04
N ASP B 207 19.06 -13.76 2.29
CA ASP B 207 20.05 -12.99 3.01
C ASP B 207 19.60 -12.87 4.50
N VAL B 208 20.47 -12.33 5.36
CA VAL B 208 20.13 -12.14 6.76
C VAL B 208 20.01 -10.67 7.17
N ALA B 209 19.56 -9.87 6.21
CA ALA B 209 19.32 -8.43 6.40
C ALA B 209 20.41 -7.61 7.08
N ASP B 210 21.65 -8.09 7.00
CA ASP B 210 22.77 -7.37 7.61
C ASP B 210 23.44 -6.44 6.60
N GLN B 211 24.64 -5.95 6.93
CA GLN B 211 25.31 -5.01 6.05
C GLN B 211 25.78 -5.52 4.72
N GLN B 212 25.71 -6.83 4.55
CA GLN B 212 26.11 -7.44 3.29
C GLN B 212 24.86 -8.10 2.65
N SER B 213 23.67 -7.66 3.02
CA SER B 213 22.47 -8.28 2.48
C SER B 213 22.23 -8.04 1.00
N HIS B 214 22.77 -6.93 0.48
CA HIS B 214 22.64 -6.60 -0.94
C HIS B 214 23.40 -7.66 -1.77
N LEU B 215 24.63 -7.92 -1.35
CA LEU B 215 25.49 -8.89 -2.01
C LEU B 215 24.86 -10.29 -1.93
N SER B 216 24.44 -10.69 -0.74
CA SER B 216 23.81 -11.98 -0.57
C SER B 216 22.53 -12.13 -1.43
N PHE B 217 21.67 -11.12 -1.43
CA PHE B 217 20.44 -11.20 -2.25
C PHE B 217 20.82 -11.41 -3.73
N ASP B 218 21.83 -10.70 -4.19
CA ASP B 218 22.28 -10.83 -5.57
C ASP B 218 22.74 -12.26 -5.84
N GLU B 219 23.39 -12.86 -4.85
CA GLU B 219 23.90 -14.21 -4.98
C GLU B 219 22.90 -15.34 -4.74
N PHE B 220 21.93 -15.12 -3.85
CA PHE B 220 21.00 -16.18 -3.51
C PHE B 220 19.52 -15.99 -3.77
N LEU B 221 19.13 -14.99 -4.55
CA LEU B 221 17.70 -14.81 -4.83
C LEU B 221 17.14 -16.02 -5.55
N ALA B 222 17.87 -16.55 -6.53
CA ALA B 222 17.37 -17.70 -7.30
C ALA B 222 17.20 -18.92 -6.40
N VAL B 223 18.15 -19.13 -5.51
CA VAL B 223 18.10 -20.24 -4.57
C VAL B 223 16.85 -20.05 -3.72
N ALA B 224 16.63 -18.84 -3.22
CA ALA B 224 15.46 -18.62 -2.38
C ALA B 224 14.18 -18.79 -3.17
N ALA B 225 14.18 -18.33 -4.43
CA ALA B 225 13.00 -18.46 -5.28
C ALA B 225 12.67 -19.94 -5.51
N LYS B 226 13.70 -20.75 -5.77
CA LYS B 226 13.47 -22.16 -6.01
C LYS B 226 12.97 -22.88 -4.76
N GLN B 227 13.59 -22.63 -3.61
CA GLN B 227 13.12 -23.31 -2.39
C GLN B 227 11.67 -22.94 -2.04
N SER B 228 11.33 -21.67 -2.18
N SER B 228 11.32 -21.67 -2.18
CA SER B 228 9.98 -21.23 -1.87
CA SER B 228 9.96 -21.26 -1.85
C SER B 228 8.96 -21.82 -2.87
C SER B 228 8.96 -21.86 -2.86
N SER B 229 9.30 -21.81 -4.15
CA SER B 229 8.42 -22.35 -5.19
C SER B 229 8.17 -23.84 -4.99
N LEU B 230 9.21 -24.58 -4.64
CA LEU B 230 9.07 -26.02 -4.41
C LEU B 230 8.12 -26.28 -3.24
N MET B 231 8.27 -25.49 -2.17
CA MET B 231 7.40 -25.59 -0.99
C MET B 231 5.94 -25.22 -1.34
N VAL B 232 5.77 -24.22 -2.19
CA VAL B 232 4.41 -23.81 -2.55
C VAL B 232 3.75 -24.93 -3.34
N GLU B 233 4.57 -25.57 -4.16
CA GLU B 233 4.11 -26.65 -5.03
C GLU B 233 3.64 -27.86 -4.20
N SER B 234 4.41 -28.19 -3.17
CA SER B 234 4.06 -29.31 -2.30
C SER B 234 2.82 -28.92 -1.49
N LEU B 235 2.81 -27.69 -0.99
CA LEU B 235 1.69 -27.21 -0.19
C LEU B 235 0.39 -27.20 -0.98
N VAL B 236 0.46 -26.82 -2.26
CA VAL B 236 -0.76 -26.80 -3.09
C VAL B 236 -1.33 -28.22 -3.16
N GLN B 237 -0.47 -29.18 -3.47
CA GLN B 237 -0.85 -30.58 -3.57
C GLN B 237 -1.43 -31.13 -2.27
N LYS B 238 -0.86 -30.73 -1.14
CA LYS B 238 -1.34 -31.23 0.14
C LYS B 238 -2.70 -30.64 0.53
N LEU B 239 -2.92 -29.38 0.18
CA LEU B 239 -4.18 -28.74 0.51
C LEU B 239 -5.34 -29.28 -0.33
N ALA B 240 -5.05 -29.77 -1.53
CA ALA B 240 -6.10 -30.26 -2.39
C ALA B 240 -6.28 -31.76 -2.41
N HIS B 241 -5.19 -32.51 -2.21
CA HIS B 241 -5.28 -33.96 -2.26
C HIS B 241 -4.83 -34.63 -0.97
N GLY B 242 -4.71 -33.85 0.09
CA GLY B 242 -4.30 -34.40 1.37
C GLY B 242 -2.90 -34.98 1.28
CL CL C . 12.60 17.86 -2.61
C2 TDI D . 1.15 12.40 8.71
C4 TDI D . -0.79 13.71 8.49
C5 TDI D . -0.25 14.70 9.36
C6 TDI D . 1.05 14.46 9.87
CS5 TDI D . -5.13 9.73 12.43
S TDI D . -3.54 9.48 11.56
C5' TDI D . -4.04 10.78 10.44
C4' TDI D . -4.74 11.19 9.15
C1' TDI D . -4.53 12.58 8.56
N1' TDI D . -3.97 12.34 7.19
C10 TDI D . -3.09 13.51 7.24
C9 TDI D . -2.11 14.21 8.13
C8 TDI D . -2.27 15.41 8.74
N7 TDI D . -1.17 15.70 9.48
N6 TDI D . 1.63 15.40 10.73
N1 TDI D . 1.71 13.31 9.53
N3 TDI D . -0.07 12.58 8.19
C2' TDI D . -3.07 11.15 7.36
C3' TDI D . -3.86 10.22 8.32
O3' TDI D . -4.95 9.76 7.48
CL CL E . 8.30 -9.34 18.48
C2 TDI F . 13.65 -6.32 2.79
C4 TDI F . 13.86 -8.35 1.64
C5 TDI F . 15.16 -8.53 2.18
C6 TDI F . 15.65 -7.55 3.05
CS5 TDI F . 14.78 -5.54 -4.65
S TDI F . 14.03 -5.00 -3.09
C5' TDI F . 13.63 -6.71 -2.74
C4' TDI F . 12.67 -7.90 -2.86
C1' TDI F . 12.89 -9.15 -2.01
N1' TDI F . 11.65 -9.28 -1.19
C10 TDI F . 12.38 -9.77 0.00
C9 TDI F . 13.63 -9.50 0.81
C8 TDI F . 14.72 -10.29 0.87
N7 TDI F . 15.65 -9.71 1.69
N6 TDI F . 16.91 -7.69 3.61
N1 TDI F . 14.88 -6.48 3.32
N3 TDI F . 13.14 -7.23 1.97
C2' TDI F . 11.24 -7.87 -0.87
C3' TDI F . 11.51 -7.10 -2.17
O3' TDI F . 10.48 -7.59 -3.04
#